data_2GCD
#
_entry.id   2GCD
#
_cell.length_a   186.019
_cell.length_b   186.019
_cell.length_c   94.641
_cell.angle_alpha   90.00
_cell.angle_beta   90.00
_cell.angle_gamma   120.00
#
_symmetry.space_group_name_H-M   'P 65 2 2'
#
loop_
_entity.id
_entity.type
_entity.pdbx_description
1 polymer 'Serine/threonine-protein kinase TAO2'
2 non-polymer STAUROSPORINE
3 water water
#
_entity_poly.entity_id   1
_entity_poly.type   'polypeptide(L)'
_entity_poly.pdbx_seq_one_letter_code
;DPDVAELFFKDDPEKLFSDLREIGHGSFGAVYFARDVRNSEVVAIKKMSYSGKQSNEKWQDIIKEVRFLQKLRHPNTIQY
RGCYLREHTAWLVMEYCLGSASDLLEVHKKPLQEVEIAAVTHGALQGLAYLHSHNMIHRDVKAGNILLSEPGLVKLGDFG
SASIMAPAN(SEP)FVGTPYWMAPEVILAMDEGQYDGKVDVWSLGITCIELAERKPPLFNMNAMSALYHIAQNESPALQS
GHWSEYFRNFVDSCLQKIPQDRPTSEVLLKHRFVLRERPPTVIMDLIQRTKDAVRELDNLQYRKMKKILFQEA
;
_entity_poly.pdbx_strand_id   A,B
#
# COMPACT_ATOMS: atom_id res chain seq x y z
N ASP A 1 -47.51 -9.27 -3.00
CA ASP A 1 -47.44 -7.81 -2.78
C ASP A 1 -47.70 -7.27 -1.30
N PRO A 2 -47.95 -8.11 -0.30
CA PRO A 2 -48.03 -7.56 1.09
C PRO A 2 -46.92 -6.57 1.46
N ASP A 3 -45.69 -6.96 1.16
CA ASP A 3 -44.48 -6.14 1.36
C ASP A 3 -44.38 -4.95 0.40
N VAL A 4 -44.95 -5.13 -0.80
CA VAL A 4 -44.94 -4.10 -1.81
C VAL A 4 -45.82 -2.99 -1.31
N ALA A 5 -47.02 -3.37 -0.85
CA ALA A 5 -47.89 -2.53 -0.03
C ALA A 5 -47.13 -1.84 1.11
N GLU A 6 -46.52 -2.63 1.99
CA GLU A 6 -45.84 -2.05 3.10
C GLU A 6 -44.65 -1.16 2.75
N LEU A 7 -43.90 -1.43 1.70
CA LEU A 7 -42.65 -0.77 1.66
C LEU A 7 -42.31 0.18 0.56
N PHE A 8 -43.05 0.24 -0.52
CA PHE A 8 -42.64 1.01 -1.67
C PHE A 8 -43.49 2.21 -1.91
N PHE A 9 -43.02 3.19 -2.65
CA PHE A 9 -43.98 4.21 -3.10
C PHE A 9 -44.61 3.67 -4.32
N LYS A 10 -45.77 4.19 -4.66
CA LYS A 10 -46.39 3.60 -5.79
C LYS A 10 -46.05 4.32 -7.06
N ASP A 11 -45.31 5.43 -7.07
CA ASP A 11 -45.15 6.10 -8.35
C ASP A 11 -44.27 5.34 -9.25
N ASP A 12 -44.21 5.75 -10.50
CA ASP A 12 -43.38 5.09 -11.44
C ASP A 12 -42.02 5.81 -11.57
N PRO A 13 -40.93 5.10 -11.20
CA PRO A 13 -39.63 5.77 -11.11
C PRO A 13 -39.22 6.43 -12.39
N GLU A 14 -39.73 5.91 -13.51
CA GLU A 14 -39.24 6.36 -14.79
C GLU A 14 -39.75 7.75 -15.09
N LYS A 15 -40.78 8.12 -14.35
CA LYS A 15 -41.31 9.48 -14.48
C LYS A 15 -40.76 10.42 -13.43
N LEU A 16 -40.33 9.90 -12.28
CA LEU A 16 -39.65 10.76 -11.29
C LEU A 16 -38.18 11.10 -11.58
N PHE A 17 -37.40 10.25 -12.25
CA PHE A 17 -35.93 10.45 -12.16
C PHE A 17 -35.32 10.49 -13.54
N SER A 18 -34.34 11.32 -13.80
CA SER A 18 -33.83 11.29 -15.18
C SER A 18 -32.36 11.56 -15.17
N ASP A 19 -31.75 11.42 -16.36
CA ASP A 19 -30.32 11.62 -16.57
C ASP A 19 -29.55 10.64 -15.72
N LEU A 20 -30.05 9.43 -15.51
CA LEU A 20 -29.24 8.39 -14.85
C LEU A 20 -27.85 8.16 -15.46
N ARG A 21 -26.82 8.13 -14.63
CA ARG A 21 -25.49 7.77 -15.08
C ARG A 21 -25.01 6.77 -14.03
N GLU A 22 -24.53 5.58 -14.44
CA GLU A 22 -23.91 4.60 -13.51
C GLU A 22 -22.73 5.17 -12.70
N ILE A 23 -22.71 4.99 -11.35
CA ILE A 23 -21.57 5.44 -10.55
C ILE A 23 -20.96 4.29 -9.73
N GLY A 24 -21.56 3.15 -9.71
CA GLY A 24 -20.96 2.09 -9.02
C GLY A 24 -21.85 0.93 -9.29
N HIS A 25 -21.41 -0.29 -9.00
CA HIS A 25 -22.31 -1.45 -8.99
C HIS A 25 -21.70 -2.42 -8.05
N GLY A 26 -22.17 -3.66 -8.14
CA GLY A 26 -21.89 -4.75 -7.20
C GLY A 26 -22.96 -5.85 -7.37
N SER A 27 -23.03 -6.80 -6.42
CA SER A 27 -23.69 -8.11 -6.73
C SER A 27 -25.16 -7.83 -7.07
N PHE A 28 -25.83 -7.17 -6.09
CA PHE A 28 -27.11 -6.44 -6.30
C PHE A 28 -27.30 -5.85 -7.74
N GLY A 29 -26.34 -5.08 -8.27
CA GLY A 29 -26.54 -4.41 -9.61
C GLY A 29 -26.08 -2.94 -9.57
N ALA A 30 -26.67 -1.99 -10.29
CA ALA A 30 -25.90 -0.73 -10.29
C ALA A 30 -26.35 0.43 -9.40
N VAL A 31 -25.52 1.43 -9.24
CA VAL A 31 -25.86 2.55 -8.53
C VAL A 31 -25.66 3.69 -9.49
N TYR A 32 -26.62 4.68 -9.52
CA TYR A 32 -26.60 5.79 -10.49
C TYR A 32 -26.84 7.08 -9.79
N PHE A 33 -26.19 8.15 -10.29
CA PHE A 33 -26.54 9.51 -10.08
C PHE A 33 -27.81 9.73 -10.92
N ALA A 34 -28.74 10.59 -10.50
CA ALA A 34 -29.98 10.82 -11.22
C ALA A 34 -30.48 12.17 -10.75
N ARG A 35 -31.43 12.76 -11.51
CA ARG A 35 -32.01 14.04 -11.21
C ARG A 35 -33.42 13.83 -10.86
N ASP A 36 -33.83 14.39 -9.73
CA ASP A 36 -35.20 14.14 -9.28
C ASP A 36 -36.02 15.24 -9.97
N VAL A 37 -37.04 14.86 -10.72
CA VAL A 37 -37.66 15.83 -11.62
C VAL A 37 -38.48 16.85 -10.86
N ARG A 38 -39.01 16.43 -9.72
CA ARG A 38 -39.90 17.22 -8.90
C ARG A 38 -39.21 18.44 -8.35
N ASN A 39 -37.90 18.45 -8.22
CA ASN A 39 -37.29 19.55 -7.48
C ASN A 39 -35.89 19.87 -7.95
N SER A 40 -35.52 19.21 -9.04
CA SER A 40 -34.26 19.46 -9.67
C SER A 40 -33.03 19.02 -8.77
N GLU A 41 -33.34 18.36 -7.69
CA GLU A 41 -32.33 17.75 -6.92
C GLU A 41 -31.66 16.44 -7.50
N VAL A 42 -30.35 16.36 -7.30
CA VAL A 42 -29.59 15.17 -7.54
C VAL A 42 -29.80 14.05 -6.50
N VAL A 43 -29.89 12.84 -6.98
CA VAL A 43 -29.95 11.74 -6.07
C VAL A 43 -29.06 10.54 -6.48
N ALA A 44 -28.96 9.55 -5.59
CA ALA A 44 -28.28 8.31 -5.90
C ALA A 44 -29.39 7.31 -5.93
N ILE A 45 -29.30 6.38 -6.88
CA ILE A 45 -30.29 5.32 -7.07
C ILE A 45 -29.58 4.00 -7.22
N LYS A 46 -29.97 3.06 -6.36
CA LYS A 46 -29.45 1.77 -6.41
C LYS A 46 -30.56 0.91 -6.95
N LYS A 47 -30.42 0.45 -8.19
CA LYS A 47 -31.33 -0.50 -8.81
C LYS A 47 -30.97 -1.95 -8.48
N MET A 48 -31.93 -2.73 -8.06
CA MET A 48 -31.69 -4.10 -7.77
C MET A 48 -32.72 -4.96 -8.50
N SER A 49 -32.25 -5.68 -9.52
CA SER A 49 -33.06 -6.63 -10.25
C SER A 49 -33.38 -7.84 -9.44
N TYR A 50 -34.61 -8.25 -9.60
CA TYR A 50 -35.03 -9.46 -8.95
C TYR A 50 -35.67 -10.30 -10.06
N SER A 51 -35.17 -10.06 -11.27
CA SER A 51 -35.59 -10.84 -12.41
C SER A 51 -34.58 -11.98 -12.59
N GLY A 52 -33.29 -11.59 -12.63
CA GLY A 52 -32.10 -12.48 -12.76
C GLY A 52 -32.22 -13.80 -13.57
N LYS A 53 -32.14 -14.93 -12.81
CA LYS A 53 -32.77 -16.26 -13.09
C LYS A 53 -33.75 -16.40 -11.92
N GLN A 54 -33.15 -16.69 -10.75
CA GLN A 54 -33.81 -16.73 -9.44
C GLN A 54 -34.04 -15.42 -8.64
N SER A 55 -35.28 -14.91 -8.79
CA SER A 55 -35.79 -13.75 -8.09
C SER A 55 -35.80 -13.90 -6.55
N ASN A 56 -35.90 -15.14 -6.05
CA ASN A 56 -36.08 -15.36 -4.60
C ASN A 56 -35.05 -14.76 -3.64
N GLU A 57 -33.76 -15.25 -3.64
CA GLU A 57 -32.62 -14.62 -2.83
C GLU A 57 -32.70 -13.10 -3.09
N LYS A 58 -32.79 -12.70 -4.38
CA LYS A 58 -32.72 -11.31 -4.84
C LYS A 58 -33.72 -10.30 -4.21
N TRP A 59 -35.00 -10.70 -4.20
CA TRP A 59 -36.11 -9.98 -3.65
C TRP A 59 -36.01 -9.88 -2.13
N GLN A 60 -35.73 -11.02 -1.53
CA GLN A 60 -35.51 -11.10 -0.12
C GLN A 60 -34.47 -10.08 0.35
N ASP A 61 -33.33 -10.01 -0.35
CA ASP A 61 -32.27 -9.05 -0.11
C ASP A 61 -32.79 -7.63 -0.17
N ILE A 62 -33.59 -7.37 -1.22
CA ILE A 62 -34.10 -6.06 -1.47
C ILE A 62 -34.86 -5.66 -0.22
N ILE A 63 -35.81 -6.48 0.15
CA ILE A 63 -36.73 -6.09 1.19
C ILE A 63 -36.08 -5.93 2.54
N LYS A 64 -35.14 -6.86 2.82
CA LYS A 64 -34.31 -6.85 4.01
C LYS A 64 -33.55 -5.55 4.10
N GLU A 65 -32.95 -5.15 2.97
CA GLU A 65 -32.30 -3.90 2.90
C GLU A 65 -33.28 -2.67 3.11
N VAL A 66 -34.50 -2.76 2.56
CA VAL A 66 -35.33 -1.60 2.70
C VAL A 66 -35.71 -1.48 4.14
N ARG A 67 -36.05 -2.59 4.73
CA ARG A 67 -36.45 -2.52 6.09
C ARG A 67 -35.39 -1.93 6.94
N PHE A 68 -34.13 -2.30 6.68
CA PHE A 68 -32.97 -1.79 7.44
C PHE A 68 -32.79 -0.33 7.18
N LEU A 69 -32.73 0.07 5.88
CA LEU A 69 -32.55 1.50 5.50
C LEU A 69 -33.64 2.33 6.14
N GLN A 70 -34.89 1.85 6.23
CA GLN A 70 -35.99 2.67 6.77
C GLN A 70 -35.77 3.14 8.17
N LYS A 71 -34.75 2.58 8.82
CA LYS A 71 -34.60 2.66 10.24
C LYS A 71 -33.50 3.68 10.56
N LEU A 72 -32.64 4.06 9.61
CA LEU A 72 -31.55 4.95 9.98
C LEU A 72 -31.93 6.38 10.13
N ARG A 73 -31.38 7.05 11.15
CA ARG A 73 -31.56 8.45 11.26
C ARG A 73 -30.38 9.06 11.91
N HIS A 74 -29.40 9.43 11.09
CA HIS A 74 -28.19 10.03 11.62
C HIS A 74 -27.41 10.62 10.51
N PRO A 75 -26.80 11.76 10.79
CA PRO A 75 -26.14 12.49 9.74
C PRO A 75 -24.89 11.80 9.18
N ASN A 76 -24.28 10.84 9.88
CA ASN A 76 -23.15 10.13 9.30
C ASN A 76 -23.53 8.81 8.72
N THR A 77 -24.81 8.57 8.45
CA THR A 77 -25.07 7.48 7.49
C THR A 77 -25.75 8.06 6.29
N ILE A 78 -25.72 7.40 5.14
CA ILE A 78 -26.19 7.91 3.86
C ILE A 78 -27.66 7.96 4.03
N GLN A 79 -28.32 9.07 3.66
CA GLN A 79 -29.76 9.15 3.87
C GLN A 79 -30.64 8.35 2.87
N TYR A 80 -31.60 7.61 3.38
CA TYR A 80 -32.49 6.83 2.53
C TYR A 80 -33.75 7.65 2.14
N ARG A 81 -34.18 7.58 0.89
CA ARG A 81 -35.25 8.45 0.47
C ARG A 81 -36.44 7.77 -0.06
N GLY A 82 -36.44 6.44 -0.10
CA GLY A 82 -37.65 5.61 -0.32
C GLY A 82 -37.31 4.69 -1.46
N CYS A 83 -38.23 3.84 -1.87
CA CYS A 83 -37.93 2.97 -2.97
C CYS A 83 -39.15 2.76 -3.85
N TYR A 84 -38.92 2.42 -5.11
CA TYR A 84 -39.96 2.41 -6.11
C TYR A 84 -39.90 1.02 -6.72
N LEU A 85 -40.81 0.69 -7.62
CA LEU A 85 -40.80 -0.62 -8.24
C LEU A 85 -41.36 -0.56 -9.69
N ARG A 86 -40.58 -0.96 -10.69
CA ARG A 86 -41.08 -1.15 -12.05
C ARG A 86 -40.44 -2.34 -12.68
N GLU A 87 -41.21 -3.17 -13.41
CA GLU A 87 -40.66 -4.27 -14.26
C GLU A 87 -39.44 -5.06 -13.66
N HIS A 88 -39.75 -5.72 -12.56
CA HIS A 88 -38.83 -6.47 -11.73
C HIS A 88 -37.51 -5.84 -11.31
N THR A 89 -37.47 -4.50 -11.12
CA THR A 89 -36.31 -3.81 -10.56
C THR A 89 -36.83 -3.00 -9.36
N ALA A 90 -36.33 -3.19 -8.15
CA ALA A 90 -36.67 -2.23 -7.05
C ALA A 90 -35.72 -1.09 -7.15
N TRP A 91 -36.14 0.17 -7.11
CA TRP A 91 -35.22 1.32 -7.09
C TRP A 91 -35.07 1.92 -5.66
N LEU A 92 -33.87 2.11 -5.14
CA LEU A 92 -33.76 2.54 -3.77
C LEU A 92 -33.12 3.86 -3.92
N VAL A 93 -33.85 4.90 -3.54
CA VAL A 93 -33.32 6.18 -3.71
C VAL A 93 -32.66 6.65 -2.45
N MET A 94 -31.56 7.40 -2.65
CA MET A 94 -30.73 7.92 -1.53
C MET A 94 -30.13 9.29 -1.80
N GLU A 95 -29.62 9.93 -0.75
CA GLU A 95 -28.96 11.21 -1.03
C GLU A 95 -27.72 10.93 -1.85
N TYR A 96 -27.16 11.98 -2.39
CA TYR A 96 -26.08 11.86 -3.29
C TYR A 96 -24.81 12.44 -2.77
N CYS A 97 -23.69 11.74 -2.96
CA CYS A 97 -22.40 12.39 -2.60
C CYS A 97 -21.42 12.56 -3.75
N LEU A 98 -20.48 13.48 -3.60
CA LEU A 98 -19.35 13.57 -4.55
C LEU A 98 -18.73 12.22 -4.81
N GLY A 99 -18.25 11.53 -3.77
CA GLY A 99 -17.73 10.18 -3.93
C GLY A 99 -17.16 9.58 -2.65
N SER A 100 -16.52 8.41 -2.74
CA SER A 100 -16.04 7.67 -1.60
C SER A 100 -14.64 8.11 -1.23
N ALA A 101 -14.23 7.80 -0.02
CA ALA A 101 -12.89 8.08 0.38
C ALA A 101 -11.90 7.32 -0.50
N SER A 102 -12.18 6.10 -1.03
CA SER A 102 -11.40 5.47 -2.11
C SER A 102 -11.19 6.35 -3.32
N ASP A 103 -12.31 6.87 -3.86
CA ASP A 103 -12.25 7.78 -5.02
C ASP A 103 -11.23 8.83 -4.64
N LEU A 104 -11.21 9.27 -3.39
CA LEU A 104 -10.19 10.22 -2.98
C LEU A 104 -8.80 9.69 -3.24
N LEU A 105 -8.47 8.48 -2.80
CA LEU A 105 -7.16 7.96 -2.96
C LEU A 105 -6.84 7.54 -4.42
N GLU A 106 -7.86 7.33 -5.24
CA GLU A 106 -7.58 6.98 -6.62
C GLU A 106 -7.21 8.28 -7.42
N VAL A 107 -7.97 9.36 -7.18
CA VAL A 107 -7.70 10.65 -7.79
C VAL A 107 -6.33 11.24 -7.42
N HIS A 108 -5.92 11.29 -6.17
CA HIS A 108 -4.65 11.90 -5.85
C HIS A 108 -3.44 10.95 -6.01
N LYS A 109 -3.69 9.61 -6.00
CA LYS A 109 -2.63 8.57 -6.06
C LYS A 109 -1.63 8.89 -4.94
N LYS A 110 -2.19 9.21 -3.79
CA LYS A 110 -1.44 9.76 -2.67
C LYS A 110 -2.40 9.50 -1.48
N PRO A 111 -1.86 8.97 -0.38
CA PRO A 111 -2.69 8.97 0.85
C PRO A 111 -2.96 10.41 1.29
N LEU A 112 -4.03 10.54 2.06
CA LEU A 112 -4.50 11.84 2.44
C LEU A 112 -3.62 12.41 3.48
N GLN A 113 -3.79 13.69 3.71
CA GLN A 113 -3.22 14.24 4.94
C GLN A 113 -3.83 13.71 6.25
N GLU A 114 -2.97 13.62 7.29
CA GLU A 114 -3.36 13.14 8.63
C GLU A 114 -4.60 13.86 9.17
N VAL A 115 -4.65 15.15 8.98
CA VAL A 115 -5.81 15.88 9.37
C VAL A 115 -7.07 15.41 8.69
N GLU A 116 -6.99 15.20 7.39
CA GLU A 116 -8.10 14.66 6.62
C GLU A 116 -8.38 13.19 7.01
N ILE A 117 -7.40 12.37 7.24
CA ILE A 117 -7.76 11.08 7.81
C ILE A 117 -8.58 11.19 9.15
N ALA A 118 -8.34 12.27 9.88
CA ALA A 118 -8.95 12.40 11.22
C ALA A 118 -10.39 12.78 11.08
N ALA A 119 -10.61 13.79 10.24
CA ALA A 119 -11.99 14.22 9.92
C ALA A 119 -12.89 13.08 9.37
N VAL A 120 -12.30 12.34 8.42
CA VAL A 120 -12.93 11.18 7.81
C VAL A 120 -13.26 10.04 8.81
N THR A 121 -12.26 9.66 9.58
CA THR A 121 -12.36 8.68 10.60
C THR A 121 -13.41 9.09 11.60
N HIS A 122 -13.38 10.39 11.89
CA HIS A 122 -14.17 10.87 13.04
C HIS A 122 -15.64 10.71 12.68
N GLY A 123 -15.97 11.19 11.48
CA GLY A 123 -17.33 11.04 10.97
C GLY A 123 -17.82 9.60 10.81
N ALA A 124 -17.00 8.67 10.36
CA ALA A 124 -17.42 7.30 10.17
C ALA A 124 -17.63 6.71 11.55
N LEU A 125 -16.76 7.10 12.47
CA LEU A 125 -16.91 6.64 13.86
C LEU A 125 -18.28 7.08 14.53
N GLN A 126 -18.66 8.36 14.43
CA GLN A 126 -20.05 8.76 14.83
C GLN A 126 -21.05 7.88 14.18
N GLY A 127 -20.95 7.71 12.87
CA GLY A 127 -21.88 6.79 12.21
C GLY A 127 -21.84 5.44 12.89
N LEU A 128 -20.66 4.91 13.22
CA LEU A 128 -20.65 3.54 13.74
C LEU A 128 -21.21 3.54 15.21
N ALA A 129 -20.87 4.58 15.96
CA ALA A 129 -21.31 4.54 17.33
C ALA A 129 -22.88 4.55 17.38
N TYR A 130 -23.48 5.34 16.47
CA TYR A 130 -24.88 5.23 16.18
C TYR A 130 -25.37 3.81 15.88
N LEU A 131 -24.86 3.14 14.84
CA LEU A 131 -25.44 1.80 14.59
C LEU A 131 -25.33 0.98 15.83
N HIS A 132 -24.15 1.04 16.45
CA HIS A 132 -23.81 0.12 17.54
C HIS A 132 -24.78 0.47 18.65
N SER A 133 -25.06 1.75 18.83
CA SER A 133 -26.00 2.05 19.95
C SER A 133 -27.35 1.44 19.71
N HIS A 134 -27.69 1.07 18.46
CA HIS A 134 -28.97 0.34 18.22
C HIS A 134 -28.79 -1.09 18.00
N ASN A 135 -27.68 -1.68 18.50
CA ASN A 135 -27.38 -3.09 18.18
C ASN A 135 -27.32 -3.40 16.71
N MET A 136 -26.88 -2.45 15.91
CA MET A 136 -26.63 -2.80 14.54
C MET A 136 -25.14 -3.02 14.24
N ILE A 137 -24.85 -3.92 13.28
CA ILE A 137 -23.49 -3.96 12.72
C ILE A 137 -23.39 -3.75 11.24
N HIS A 138 -22.44 -2.93 10.84
CA HIS A 138 -22.31 -2.64 9.41
C HIS A 138 -21.71 -3.84 8.69
N ARG A 139 -20.54 -4.28 9.18
CA ARG A 139 -19.86 -5.44 8.62
C ARG A 139 -19.09 -5.30 7.33
N ASP A 140 -19.02 -4.08 6.77
CA ASP A 140 -18.24 -3.91 5.58
C ASP A 140 -17.69 -2.47 5.48
N VAL A 141 -17.15 -2.00 6.60
CA VAL A 141 -16.52 -0.64 6.66
C VAL A 141 -15.23 -0.75 5.90
N LYS A 142 -15.02 0.20 5.03
CA LYS A 142 -13.77 0.33 4.26
C LYS A 142 -13.84 1.73 3.57
N ALA A 143 -12.74 2.22 2.98
CA ALA A 143 -12.75 3.55 2.38
C ALA A 143 -13.79 3.62 1.29
N GLY A 144 -13.96 2.51 0.62
CA GLY A 144 -14.97 2.48 -0.38
C GLY A 144 -16.39 2.78 0.05
N ASN A 145 -16.72 2.51 1.29
CA ASN A 145 -18.12 2.56 1.71
C ASN A 145 -18.21 3.81 2.60
N ILE A 146 -17.28 4.77 2.44
CA ILE A 146 -17.34 5.98 3.20
C ILE A 146 -17.45 7.17 2.26
N LEU A 147 -18.63 7.82 2.22
CA LEU A 147 -18.93 8.82 1.19
C LEU A 147 -18.78 10.24 1.78
N LEU A 148 -18.39 11.17 0.94
CA LEU A 148 -18.38 12.56 1.27
C LEU A 148 -19.40 13.33 0.49
N SER A 149 -20.15 14.16 1.16
CA SER A 149 -21.11 14.99 0.45
C SER A 149 -20.83 16.41 0.91
N GLU A 150 -20.89 17.37 -0.01
CA GLU A 150 -20.79 18.79 0.46
C GLU A 150 -22.16 19.13 1.08
N PRO A 151 -22.21 19.99 2.14
CA PRO A 151 -21.24 21.05 2.49
C PRO A 151 -19.85 20.42 2.63
N GLY A 152 -19.82 19.40 3.51
CA GLY A 152 -18.67 18.54 3.81
C GLY A 152 -18.92 17.47 4.88
N LEU A 153 -19.70 16.47 4.55
CA LEU A 153 -20.11 15.59 5.63
C LEU A 153 -19.70 14.15 5.31
N VAL A 154 -19.30 13.39 6.30
CA VAL A 154 -18.85 12.03 5.99
C VAL A 154 -19.88 11.06 6.34
N LYS A 155 -20.18 10.14 5.43
CA LYS A 155 -21.26 9.22 5.70
C LYS A 155 -21.02 7.78 5.32
N LEU A 156 -21.49 6.86 6.18
CA LEU A 156 -21.32 5.43 5.93
C LEU A 156 -22.30 5.11 4.85
N GLY A 157 -21.91 4.25 3.90
CA GLY A 157 -22.89 3.72 2.95
C GLY A 157 -22.75 2.23 2.79
N ASP A 158 -23.56 1.68 1.90
CA ASP A 158 -23.68 0.27 1.71
C ASP A 158 -24.00 -0.57 2.91
N PHE A 159 -25.27 -0.69 3.19
CA PHE A 159 -25.68 -1.49 4.30
C PHE A 159 -26.07 -2.83 3.81
N GLY A 160 -25.76 -3.12 2.56
CA GLY A 160 -25.94 -4.47 2.05
C GLY A 160 -25.51 -5.65 2.94
N SER A 161 -24.52 -5.49 3.81
CA SER A 161 -24.07 -6.63 4.59
C SER A 161 -24.35 -6.47 6.02
N ALA A 162 -25.25 -5.53 6.36
CA ALA A 162 -25.39 -5.07 7.72
C ALA A 162 -26.15 -6.05 8.60
N SER A 163 -26.05 -6.00 9.91
CA SER A 163 -26.86 -6.92 10.64
C SER A 163 -27.73 -6.06 11.59
N ILE A 164 -28.97 -6.53 11.80
CA ILE A 164 -29.95 -5.84 12.65
C ILE A 164 -29.72 -6.22 14.07
N MET A 165 -29.07 -7.32 14.36
CA MET A 165 -28.83 -7.66 15.76
C MET A 165 -27.41 -8.05 16.15
N ALA A 166 -26.81 -7.34 17.06
CA ALA A 166 -25.54 -7.79 17.66
C ALA A 166 -26.00 -8.71 18.75
N PRO A 167 -25.24 -9.77 19.14
CA PRO A 167 -24.05 -10.30 18.54
C PRO A 167 -24.56 -11.08 17.35
N ALA A 168 -23.70 -11.22 16.35
CA ALA A 168 -23.99 -11.97 15.14
C ALA A 168 -22.87 -12.98 14.91
N ASN A 169 -23.11 -13.85 13.96
CA ASN A 169 -22.35 -15.01 13.77
C ASN A 169 -21.98 -15.29 12.26
N PHE A 171 -20.67 -14.89 8.11
CA PHE A 171 -19.39 -14.71 7.57
C PHE A 171 -19.49 -13.73 6.39
N VAL A 172 -19.37 -12.43 6.69
CA VAL A 172 -19.52 -11.43 5.66
C VAL A 172 -18.51 -10.30 5.89
N GLY A 173 -18.25 -9.51 4.85
CA GLY A 173 -17.48 -8.31 4.98
C GLY A 173 -16.60 -8.51 3.75
N THR A 174 -15.57 -7.74 3.60
CA THR A 174 -14.68 -7.88 2.48
C THR A 174 -13.32 -8.40 3.10
N PRO A 175 -12.78 -9.49 2.53
CA PRO A 175 -11.63 -10.18 3.30
C PRO A 175 -10.60 -9.29 3.95
N TYR A 176 -9.92 -8.37 3.22
CA TYR A 176 -8.85 -7.61 3.81
C TYR A 176 -9.27 -6.78 4.98
N TRP A 177 -10.52 -6.47 5.12
CA TRP A 177 -10.89 -5.58 6.23
C TRP A 177 -11.57 -6.37 7.34
N MET A 178 -11.80 -7.64 7.12
CA MET A 178 -12.55 -8.48 8.14
C MET A 178 -11.83 -8.61 9.47
N ALA A 179 -12.58 -8.71 10.57
CA ALA A 179 -11.89 -8.80 11.87
C ALA A 179 -11.65 -10.29 12.18
N PRO A 180 -10.62 -10.58 12.98
CA PRO A 180 -10.29 -11.98 13.33
C PRO A 180 -11.55 -12.77 13.77
N GLU A 181 -12.28 -12.15 14.70
CA GLU A 181 -13.55 -12.81 15.18
C GLU A 181 -14.59 -13.05 14.12
N VAL A 182 -14.67 -12.26 13.06
CA VAL A 182 -15.58 -12.66 11.98
C VAL A 182 -15.03 -13.87 11.26
N ILE A 183 -13.69 -13.99 11.22
CA ILE A 183 -13.15 -15.16 10.50
C ILE A 183 -13.36 -16.46 11.35
N LEU A 184 -13.03 -16.35 12.62
CA LEU A 184 -13.18 -17.50 13.51
C LEU A 184 -14.59 -18.04 13.50
N ALA A 185 -15.54 -17.15 13.28
CA ALA A 185 -16.93 -17.51 13.33
C ALA A 185 -17.42 -18.38 12.16
N MET A 186 -16.51 -18.63 11.22
CA MET A 186 -16.70 -19.64 10.21
C MET A 186 -16.97 -20.94 10.91
N ASP A 187 -15.92 -21.53 11.48
CA ASP A 187 -16.14 -22.29 12.70
C ASP A 187 -17.22 -21.62 13.63
N GLU A 188 -17.62 -22.26 14.76
CA GLU A 188 -18.85 -21.93 15.55
C GLU A 188 -18.64 -20.82 16.66
N GLY A 189 -18.86 -19.53 16.29
CA GLY A 189 -18.51 -18.30 17.06
C GLY A 189 -19.44 -17.07 16.82
N GLN A 190 -19.13 -15.93 17.46
CA GLN A 190 -20.00 -14.74 17.55
C GLN A 190 -19.23 -13.46 17.59
N TYR A 191 -19.86 -12.33 17.19
CA TYR A 191 -19.14 -11.05 17.37
C TYR A 191 -20.03 -9.86 17.59
N ASP A 192 -19.54 -8.90 18.35
CA ASP A 192 -20.03 -7.52 18.49
C ASP A 192 -20.01 -6.71 17.18
N GLY A 193 -20.39 -5.46 17.37
CA GLY A 193 -20.04 -4.39 16.50
C GLY A 193 -18.58 -3.96 16.68
N LYS A 194 -17.83 -4.68 17.52
CA LYS A 194 -16.36 -4.32 17.63
C LYS A 194 -15.63 -4.71 16.31
N VAL A 195 -16.21 -5.71 15.62
CA VAL A 195 -15.81 -5.95 14.24
C VAL A 195 -15.75 -4.75 13.28
N ASP A 196 -16.46 -3.65 13.56
CA ASP A 196 -16.51 -2.46 12.69
C ASP A 196 -15.43 -1.57 13.14
N VAL A 197 -15.18 -1.68 14.44
CA VAL A 197 -14.02 -1.02 14.99
C VAL A 197 -12.72 -1.55 14.33
N TRP A 198 -12.57 -2.88 14.30
CA TRP A 198 -11.46 -3.48 13.60
C TRP A 198 -11.36 -2.92 12.12
N SER A 199 -12.32 -3.19 11.26
CA SER A 199 -12.41 -2.62 9.91
C SER A 199 -12.16 -1.10 9.82
N LEU A 200 -12.63 -0.32 10.78
CA LEU A 200 -12.27 1.08 10.74
C LEU A 200 -10.70 1.29 10.83
N GLY A 201 -10.12 0.36 11.60
CA GLY A 201 -8.68 0.35 11.83
C GLY A 201 -7.97 0.14 10.49
N ILE A 202 -8.39 -0.93 9.81
CA ILE A 202 -7.84 -1.23 8.54
C ILE A 202 -8.14 -0.07 7.68
N THR A 203 -9.25 0.63 7.91
CA THR A 203 -9.57 1.70 6.97
C THR A 203 -8.61 2.87 7.17
N CYS A 204 -8.18 3.00 8.41
CA CYS A 204 -7.25 4.09 8.72
C CYS A 204 -5.96 3.82 7.96
N ILE A 205 -5.52 2.56 8.00
CA ILE A 205 -4.25 2.25 7.38
C ILE A 205 -4.43 2.53 5.91
N GLU A 206 -5.53 1.99 5.37
CA GLU A 206 -5.87 2.17 3.98
C GLU A 206 -5.90 3.65 3.64
N LEU A 207 -6.42 4.52 4.50
CA LEU A 207 -6.44 5.96 4.12
C LEU A 207 -5.02 6.55 4.17
N ALA A 208 -4.24 6.01 5.12
CA ALA A 208 -2.88 6.47 5.38
C ALA A 208 -1.97 5.93 4.30
N GLU A 209 -2.25 4.69 3.82
CA GLU A 209 -1.28 4.01 2.91
C GLU A 209 -1.86 3.61 1.57
N ARG A 210 -3.11 4.00 1.29
CA ARG A 210 -3.83 3.73 -0.02
C ARG A 210 -4.31 2.31 -0.19
N LYS A 211 -3.91 1.36 0.65
CA LYS A 211 -4.22 -0.01 0.37
C LYS A 211 -4.30 -0.64 1.73
N PRO A 212 -5.19 -1.62 1.94
CA PRO A 212 -5.05 -2.22 3.28
C PRO A 212 -3.88 -3.26 3.31
N PRO A 213 -3.41 -3.68 4.51
CA PRO A 213 -2.25 -4.56 4.59
C PRO A 213 -2.66 -5.88 4.00
N LEU A 214 -1.84 -6.62 3.33
CA LEU A 214 -2.43 -7.93 2.81
C LEU A 214 -3.10 -7.74 1.51
N PHE A 215 -3.30 -6.51 1.11
CA PHE A 215 -3.73 -6.24 -0.26
C PHE A 215 -2.95 -7.02 -1.31
N ASN A 216 -1.78 -7.56 -0.95
CA ASN A 216 -0.88 -8.17 -1.96
C ASN A 216 -0.84 -9.73 -1.89
N MET A 217 -1.88 -10.29 -1.26
CA MET A 217 -2.08 -11.72 -1.10
C MET A 217 -3.49 -12.03 -1.55
N ASN A 218 -3.77 -13.24 -2.04
CA ASN A 218 -5.15 -13.60 -2.40
C ASN A 218 -5.93 -13.61 -1.10
N ALA A 219 -7.22 -13.55 -1.25
CA ALA A 219 -8.16 -13.45 -0.11
C ALA A 219 -8.17 -14.55 0.85
N MET A 220 -8.09 -15.78 0.39
CA MET A 220 -8.08 -16.90 1.32
C MET A 220 -6.80 -16.91 2.09
N SER A 221 -5.73 -16.48 1.45
CA SER A 221 -4.56 -16.43 2.23
C SER A 221 -4.56 -15.34 3.23
N ALA A 222 -5.15 -14.23 2.82
CA ALA A 222 -5.25 -13.12 3.73
C ALA A 222 -6.16 -13.53 4.88
N LEU A 223 -7.17 -14.33 4.57
CA LEU A 223 -8.07 -14.68 5.66
C LEU A 223 -7.28 -15.43 6.69
N TYR A 224 -6.67 -16.61 6.29
CA TYR A 224 -5.79 -17.46 7.17
C TYR A 224 -4.85 -16.43 7.92
N HIS A 225 -4.26 -15.50 7.21
CA HIS A 225 -3.41 -14.59 7.92
C HIS A 225 -4.00 -13.74 8.99
N ILE A 226 -5.00 -12.90 8.68
CA ILE A 226 -5.60 -11.93 9.60
C ILE A 226 -5.84 -12.68 10.92
N ALA A 227 -6.44 -13.89 10.76
CA ALA A 227 -6.84 -14.76 11.82
C ALA A 227 -5.66 -15.22 12.61
N GLN A 228 -5.15 -16.36 12.13
CA GLN A 228 -3.95 -16.96 12.71
C GLN A 228 -2.70 -16.02 12.87
N ASN A 229 -2.70 -14.73 12.61
CA ASN A 229 -1.39 -14.04 12.70
C ASN A 229 -1.31 -12.81 13.47
N GLU A 230 -0.27 -12.02 13.43
CA GLU A 230 -0.28 -10.95 14.37
C GLU A 230 -0.91 -9.75 13.68
N SER A 231 -1.15 -8.64 14.35
CA SER A 231 -2.13 -7.71 13.76
C SER A 231 -1.39 -6.48 13.25
N PRO A 232 -1.79 -5.88 12.12
CA PRO A 232 -0.82 -4.92 11.53
C PRO A 232 -0.94 -3.60 12.15
N ALA A 233 -0.27 -2.62 11.60
CA ALA A 233 -0.22 -1.33 12.13
C ALA A 233 0.32 -0.46 11.08
N LEU A 234 0.32 0.84 11.34
CA LEU A 234 0.65 1.80 10.35
C LEU A 234 2.13 1.63 10.12
N GLN A 235 2.66 1.93 8.96
CA GLN A 235 3.98 1.36 8.74
C GLN A 235 5.07 2.43 8.93
N SER A 236 4.73 3.69 8.57
CA SER A 236 5.62 4.88 8.66
C SER A 236 5.81 5.20 10.13
N GLY A 237 6.62 6.23 10.42
CA GLY A 237 7.05 6.54 11.80
C GLY A 237 6.43 7.91 11.88
N HIS A 238 6.38 8.61 10.75
CA HIS A 238 5.97 10.01 10.65
C HIS A 238 4.56 10.47 11.12
N TRP A 239 3.67 9.55 11.52
CA TRP A 239 2.30 9.98 11.88
C TRP A 239 2.35 10.17 13.37
N SER A 240 1.68 11.25 13.81
CA SER A 240 1.48 11.54 15.25
C SER A 240 1.25 10.29 16.08
N GLU A 241 1.37 10.41 17.40
CA GLU A 241 1.27 9.22 18.27
C GLU A 241 -0.23 9.12 18.42
N TYR A 242 -0.92 10.23 18.18
CA TYR A 242 -2.38 10.16 18.39
C TYR A 242 -2.99 9.10 17.44
N PHE A 243 -2.70 9.37 16.16
CA PHE A 243 -3.16 8.55 15.10
C PHE A 243 -2.71 7.15 15.37
N ARG A 244 -1.43 7.03 15.67
CA ARG A 244 -0.86 5.70 15.77
C ARG A 244 -1.56 4.90 16.83
N ASN A 245 -1.94 5.58 17.93
CA ASN A 245 -2.59 4.85 19.11
C ASN A 245 -4.06 4.41 18.77
N PHE A 246 -4.73 5.34 18.05
CA PHE A 246 -6.03 5.06 17.47
C PHE A 246 -5.97 3.72 16.75
N VAL A 247 -5.05 3.64 15.80
CA VAL A 247 -5.04 2.42 14.99
C VAL A 247 -4.73 1.24 15.83
N ASP A 248 -3.76 1.39 16.74
CA ASP A 248 -3.44 0.19 17.51
C ASP A 248 -4.51 -0.17 18.45
N SER A 249 -5.20 0.88 18.90
CA SER A 249 -6.42 0.61 19.67
C SER A 249 -7.42 -0.18 18.79
N CYS A 250 -7.76 0.37 17.58
CA CYS A 250 -8.83 -0.31 16.79
C CYS A 250 -8.39 -1.69 16.53
N LEU A 251 -7.06 -1.91 16.48
CA LEU A 251 -6.58 -3.18 16.04
C LEU A 251 -6.25 -4.26 17.03
N GLN A 252 -6.47 -4.02 18.33
CA GLN A 252 -6.57 -5.13 19.29
C GLN A 252 -7.12 -6.41 18.70
N LYS A 253 -6.37 -7.44 18.67
CA LYS A 253 -6.85 -8.65 18.05
C LYS A 253 -7.95 -9.35 18.90
N ILE A 254 -7.85 -9.21 20.22
CA ILE A 254 -8.84 -9.74 21.16
C ILE A 254 -9.98 -8.73 21.53
N PRO A 255 -11.23 -9.03 21.08
CA PRO A 255 -12.40 -8.09 21.35
C PRO A 255 -12.35 -7.37 22.71
N GLN A 256 -12.16 -8.10 23.82
CA GLN A 256 -12.25 -7.43 25.10
C GLN A 256 -11.21 -6.41 25.25
N ASP A 257 -10.18 -6.45 24.40
CA ASP A 257 -9.14 -5.38 24.44
C ASP A 257 -9.44 -4.31 23.48
N ARG A 258 -10.33 -4.57 22.50
CA ARG A 258 -10.74 -3.52 21.53
C ARG A 258 -11.75 -2.52 22.13
N PRO A 259 -11.44 -1.24 22.13
CA PRO A 259 -12.46 -0.32 22.68
C PRO A 259 -13.76 -0.32 21.81
N THR A 260 -14.91 0.04 22.39
CA THR A 260 -16.18 0.10 21.61
C THR A 260 -16.07 1.41 20.81
N SER A 261 -16.97 1.59 19.81
CA SER A 261 -17.05 2.86 19.08
C SER A 261 -17.43 3.97 19.94
N GLU A 262 -18.35 3.70 20.87
CA GLU A 262 -18.69 4.73 21.88
C GLU A 262 -17.43 5.28 22.58
N VAL A 263 -16.62 4.40 23.10
CA VAL A 263 -15.34 4.85 23.65
C VAL A 263 -14.42 5.70 22.69
N LEU A 264 -14.16 5.17 21.45
CA LEU A 264 -13.21 5.89 20.52
C LEU A 264 -13.61 7.33 20.22
N LEU A 265 -14.85 7.61 20.56
CA LEU A 265 -15.47 8.83 20.17
C LEU A 265 -14.87 9.95 20.93
N LYS A 266 -14.23 9.58 22.02
CA LYS A 266 -13.62 10.55 22.89
C LYS A 266 -12.10 10.50 22.79
N HIS A 267 -11.52 9.65 21.93
CA HIS A 267 -10.06 9.52 21.79
C HIS A 267 -9.34 10.75 21.25
N ARG A 268 -8.05 10.90 21.48
CA ARG A 268 -7.47 12.27 21.36
C ARG A 268 -7.22 12.54 19.91
N PHE A 269 -7.14 11.41 19.21
CA PHE A 269 -6.97 11.47 17.75
C PHE A 269 -8.10 12.31 17.06
N VAL A 270 -9.27 11.93 17.44
CA VAL A 270 -10.43 12.33 16.79
C VAL A 270 -10.90 13.66 17.36
N LEU A 271 -10.55 13.99 18.62
CA LEU A 271 -10.76 15.35 19.27
C LEU A 271 -9.73 16.47 18.99
N ARG A 272 -8.44 16.17 18.76
CA ARG A 272 -7.52 17.27 18.43
C ARG A 272 -8.20 18.25 17.43
N GLU A 273 -8.15 19.51 17.72
CA GLU A 273 -8.89 20.46 16.95
C GLU A 273 -8.45 20.52 15.48
N ARG A 274 -9.33 20.94 14.55
CA ARG A 274 -8.89 21.05 13.13
C ARG A 274 -9.65 22.09 12.36
N PRO A 275 -9.08 22.65 11.27
CA PRO A 275 -9.94 23.62 10.51
C PRO A 275 -11.38 23.11 10.32
N PRO A 276 -12.37 23.97 10.44
CA PRO A 276 -13.70 23.41 10.05
C PRO A 276 -13.89 23.11 8.53
N THR A 277 -13.08 23.68 7.66
CA THR A 277 -13.24 23.49 6.21
C THR A 277 -12.63 22.18 5.64
N VAL A 278 -11.94 21.40 6.51
CA VAL A 278 -11.09 20.29 6.08
C VAL A 278 -11.75 19.48 4.97
N ILE A 279 -12.90 18.91 5.27
CA ILE A 279 -13.60 18.09 4.34
C ILE A 279 -13.94 18.84 3.05
N MET A 280 -14.61 19.96 3.20
CA MET A 280 -14.98 20.81 2.07
C MET A 280 -13.71 21.28 1.28
N ASP A 281 -12.61 21.54 1.96
CA ASP A 281 -11.31 21.76 1.28
C ASP A 281 -10.70 20.57 0.52
N LEU A 282 -10.76 19.41 1.19
CA LEU A 282 -10.44 18.16 0.56
C LEU A 282 -11.22 17.95 -0.72
N ILE A 283 -12.54 18.14 -0.61
CA ILE A 283 -13.44 18.00 -1.75
C ILE A 283 -13.00 18.92 -2.89
N GLN A 284 -12.55 20.09 -2.51
CA GLN A 284 -12.27 21.09 -3.52
C GLN A 284 -10.98 20.73 -4.26
N ARG A 285 -9.91 20.46 -3.51
CA ARG A 285 -8.74 19.93 -4.22
C ARG A 285 -9.16 18.71 -5.08
N THR A 286 -10.13 17.96 -4.60
CA THR A 286 -10.47 16.71 -5.27
C THR A 286 -11.11 16.88 -6.66
N LYS A 287 -11.96 17.92 -6.83
CA LYS A 287 -12.53 18.29 -8.16
C LYS A 287 -11.48 19.04 -9.09
N ASP A 288 -10.71 19.94 -8.47
CA ASP A 288 -9.59 20.59 -9.17
C ASP A 288 -8.73 19.56 -9.84
N ALA A 289 -8.29 18.57 -9.08
CA ALA A 289 -7.44 17.57 -9.65
C ALA A 289 -8.14 16.75 -10.77
N VAL A 290 -9.43 16.41 -10.63
CA VAL A 290 -10.16 15.62 -11.68
C VAL A 290 -10.42 16.41 -12.97
N ARG A 291 -10.69 17.72 -12.79
CA ARG A 291 -10.70 18.70 -13.88
C ARG A 291 -9.31 18.91 -14.53
N GLU A 292 -8.24 19.10 -13.73
CA GLU A 292 -6.85 19.05 -14.31
C GLU A 292 -6.47 17.66 -14.90
N LEU A 293 -7.42 16.72 -15.06
CA LEU A 293 -7.16 15.40 -15.71
C LEU A 293 -7.35 15.50 -17.22
N ASP A 294 -6.55 14.71 -17.96
CA ASP A 294 -6.43 14.80 -19.47
C ASP A 294 -7.32 13.77 -20.17
N ASN A 295 -8.05 14.27 -21.19
CA ASN A 295 -9.09 13.50 -21.90
C ASN A 295 -10.25 13.12 -20.85
N LEU A 296 -10.87 14.17 -20.22
CA LEU A 296 -11.96 14.04 -19.15
C LEU A 296 -13.12 13.08 -19.50
N GLN A 297 -13.32 12.90 -20.82
CA GLN A 297 -14.27 11.95 -21.45
C GLN A 297 -13.88 10.48 -21.26
N TYR A 298 -12.56 10.18 -21.31
CA TYR A 298 -11.92 8.88 -20.91
C TYR A 298 -11.33 8.85 -19.46
N ARG A 299 -12.23 9.22 -18.53
CA ARG A 299 -11.99 9.22 -17.08
C ARG A 299 -13.05 8.43 -16.32
N LYS A 300 -12.58 7.32 -15.76
CA LYS A 300 -13.22 6.56 -14.70
C LYS A 300 -13.78 7.59 -13.75
N MET A 301 -12.86 8.40 -13.22
CA MET A 301 -13.10 9.37 -12.14
C MET A 301 -13.99 10.60 -12.43
N LYS A 302 -14.54 10.69 -13.64
CA LYS A 302 -15.30 11.87 -14.03
C LYS A 302 -16.61 11.92 -13.26
N LYS A 303 -17.05 10.74 -12.74
CA LYS A 303 -18.06 10.61 -11.67
C LYS A 303 -18.13 11.84 -10.76
N ILE A 304 -16.96 12.29 -10.29
CA ILE A 304 -16.81 13.39 -9.32
C ILE A 304 -17.41 14.74 -9.77
N LEU A 305 -17.57 14.90 -11.09
CA LEU A 305 -18.07 16.14 -11.69
C LEU A 305 -19.47 16.03 -12.33
N PHE A 306 -20.14 14.90 -12.19
CA PHE A 306 -21.48 14.66 -12.76
C PHE A 306 -22.54 15.75 -12.57
N GLN A 307 -22.57 16.33 -11.35
CA GLN A 307 -23.59 17.32 -10.97
C GLN A 307 -23.55 18.50 -11.91
N GLU A 308 -22.36 18.75 -12.48
CA GLU A 308 -22.12 19.83 -13.44
C GLU A 308 -22.32 19.43 -14.95
N ALA A 309 -22.92 18.26 -15.25
CA ALA A 309 -23.14 17.78 -16.62
C ALA A 309 -24.51 17.07 -16.80
N ASP B 1 1.71 -26.79 -6.65
CA ASP B 1 0.19 -26.63 -6.63
C ASP B 1 -0.38 -26.16 -5.26
N PRO B 2 -0.10 -26.85 -4.13
CA PRO B 2 -0.53 -26.14 -2.87
C PRO B 2 0.05 -24.70 -2.72
N ASP B 3 1.26 -24.53 -3.17
CA ASP B 3 1.90 -23.27 -3.04
C ASP B 3 1.32 -22.33 -4.05
N VAL B 4 0.94 -22.80 -5.24
CA VAL B 4 0.33 -21.91 -6.22
C VAL B 4 -0.90 -21.21 -5.63
N ALA B 5 -1.89 -22.00 -5.18
CA ALA B 5 -3.09 -21.49 -4.59
C ALA B 5 -2.73 -20.69 -3.32
N GLU B 6 -1.77 -21.13 -2.51
CA GLU B 6 -1.38 -20.25 -1.40
C GLU B 6 -0.79 -18.82 -1.71
N LEU B 7 -0.10 -18.69 -2.86
CA LEU B 7 0.75 -17.55 -2.99
C LEU B 7 0.42 -16.68 -4.10
N PHE B 8 -0.38 -17.08 -5.06
CA PHE B 8 -0.49 -16.22 -6.25
C PHE B 8 -1.86 -15.65 -6.45
N PHE B 9 -1.98 -14.60 -7.21
CA PHE B 9 -3.28 -14.20 -7.61
C PHE B 9 -3.58 -15.04 -8.80
N LYS B 10 -4.84 -15.10 -9.16
CA LYS B 10 -5.25 -16.18 -10.02
C LYS B 10 -5.32 -15.54 -11.39
N ASP B 11 -5.28 -14.21 -11.46
CA ASP B 11 -5.46 -13.53 -12.73
C ASP B 11 -4.37 -13.85 -13.71
N ASP B 12 -4.69 -13.46 -14.95
CA ASP B 12 -3.83 -13.46 -16.08
C ASP B 12 -3.05 -12.10 -16.24
N PRO B 13 -1.76 -12.17 -15.90
CA PRO B 13 -1.00 -10.96 -15.91
C PRO B 13 -1.06 -10.29 -17.24
N GLU B 14 -1.19 -11.05 -18.31
CA GLU B 14 -1.15 -10.38 -19.62
C GLU B 14 -2.29 -9.39 -19.89
N LYS B 15 -3.43 -9.63 -19.22
CA LYS B 15 -4.57 -8.69 -19.20
C LYS B 15 -4.42 -7.52 -18.18
N LEU B 16 -3.58 -7.68 -17.15
CA LEU B 16 -3.34 -6.58 -16.15
C LEU B 16 -2.35 -5.51 -16.52
N PHE B 17 -1.31 -5.90 -17.24
CA PHE B 17 -0.25 -4.88 -17.37
C PHE B 17 0.14 -4.72 -18.76
N SER B 18 0.54 -3.53 -19.10
CA SER B 18 0.92 -3.33 -20.46
C SER B 18 2.06 -2.29 -20.55
N ASP B 19 2.48 -1.99 -21.79
CA ASP B 19 3.69 -1.26 -22.08
C ASP B 19 4.88 -1.76 -21.24
N LEU B 20 5.19 -3.06 -21.19
CA LEU B 20 6.39 -3.45 -20.45
C LEU B 20 7.66 -2.88 -21.14
N ARG B 21 8.59 -2.36 -20.37
CA ARG B 21 9.91 -1.92 -20.89
C ARG B 21 10.98 -2.36 -19.90
N GLU B 22 11.90 -3.21 -20.36
CA GLU B 22 13.02 -3.77 -19.56
C GLU B 22 13.76 -2.66 -18.91
N ILE B 23 13.89 -2.80 -17.58
CA ILE B 23 14.65 -1.83 -16.74
C ILE B 23 15.86 -2.38 -16.03
N GLY B 24 16.05 -3.68 -15.92
CA GLY B 24 17.25 -4.22 -15.30
C GLY B 24 17.13 -5.71 -15.47
N HIS B 25 18.20 -6.42 -15.29
CA HIS B 25 18.16 -7.83 -15.67
C HIS B 25 18.80 -8.47 -14.49
N GLY B 26 19.01 -9.77 -14.61
CA GLY B 26 19.80 -10.43 -13.59
C GLY B 26 19.84 -11.93 -13.80
N SER B 27 20.47 -12.59 -12.80
CA SER B 27 20.49 -14.04 -12.66
C SER B 27 19.00 -14.53 -12.72
N PHE B 28 18.24 -14.32 -11.60
CA PHE B 28 16.72 -14.39 -11.58
C PHE B 28 16.13 -14.32 -13.01
N GLY B 29 15.96 -13.10 -13.57
CA GLY B 29 15.28 -12.88 -14.89
C GLY B 29 15.40 -11.47 -15.50
N ALA B 30 14.27 -10.80 -15.63
CA ALA B 30 14.34 -9.44 -16.09
C ALA B 30 13.37 -8.70 -15.21
N VAL B 31 13.41 -7.37 -15.18
CA VAL B 31 12.54 -6.52 -14.52
C VAL B 31 12.01 -5.43 -15.43
N TYR B 32 10.66 -5.21 -15.42
CA TYR B 32 10.07 -4.13 -16.28
C TYR B 32 9.37 -2.98 -15.63
N PHE B 33 9.47 -1.78 -16.19
CA PHE B 33 8.43 -0.81 -15.98
C PHE B 33 7.12 -1.36 -16.68
N ALA B 34 5.93 -1.27 -16.06
CA ALA B 34 4.64 -1.65 -16.66
C ALA B 34 3.56 -0.69 -16.21
N ARG B 35 2.42 -0.73 -16.90
CA ARG B 35 1.20 0.08 -16.50
C ARG B 35 0.17 -0.90 -16.13
N ASP B 36 -0.45 -0.63 -14.98
CA ASP B 36 -1.62 -1.41 -14.43
C ASP B 36 -2.91 -0.80 -15.08
N VAL B 37 -3.60 -1.63 -15.88
CA VAL B 37 -4.72 -1.16 -16.68
C VAL B 37 -5.80 -0.93 -15.67
N ARG B 38 -5.86 -1.73 -14.61
CA ARG B 38 -6.89 -1.53 -13.65
C ARG B 38 -6.82 -0.19 -13.10
N ASN B 39 -5.90 0.70 -13.38
CA ASN B 39 -5.99 2.04 -12.66
C ASN B 39 -4.94 3.00 -13.20
N SER B 40 -4.28 2.55 -14.25
CA SER B 40 -3.35 3.44 -14.91
C SER B 40 -2.12 3.79 -14.03
N GLU B 41 -1.62 2.82 -13.27
CA GLU B 41 -0.51 3.14 -12.40
C GLU B 41 0.73 2.50 -12.93
N VAL B 42 1.86 3.21 -12.91
CA VAL B 42 3.15 2.53 -13.19
C VAL B 42 3.50 1.54 -12.10
N VAL B 43 4.00 0.41 -12.49
CA VAL B 43 4.32 -0.56 -11.48
C VAL B 43 5.68 -1.13 -11.93
N ALA B 44 6.41 -1.91 -11.10
CA ALA B 44 7.63 -2.67 -11.57
C ALA B 44 7.34 -4.13 -11.56
N ILE B 45 7.83 -4.90 -12.56
CA ILE B 45 7.53 -6.36 -12.56
C ILE B 45 8.73 -7.18 -12.68
N LYS B 46 8.91 -8.16 -11.82
CA LYS B 46 10.12 -8.90 -12.03
C LYS B 46 9.61 -10.20 -12.54
N LYS B 47 9.95 -10.59 -13.77
CA LYS B 47 9.60 -11.96 -14.18
C LYS B 47 10.67 -12.99 -13.93
N MET B 48 10.34 -14.12 -13.33
CA MET B 48 11.27 -15.18 -13.14
C MET B 48 10.70 -16.37 -13.83
N SER B 49 11.16 -16.70 -15.03
CA SER B 49 10.85 -17.97 -15.73
C SER B 49 11.34 -19.17 -14.99
N TYR B 50 10.79 -20.35 -15.21
CA TYR B 50 11.24 -21.52 -14.42
C TYR B 50 11.07 -22.73 -15.31
N SER B 51 11.12 -22.45 -16.60
CA SER B 51 10.96 -23.49 -17.61
C SER B 51 12.32 -24.04 -17.98
N GLY B 52 12.31 -25.18 -18.66
CA GLY B 52 13.54 -25.70 -19.23
C GLY B 52 14.42 -26.25 -18.14
N LYS B 53 15.67 -25.74 -18.11
CA LYS B 53 16.78 -26.27 -17.26
C LYS B 53 16.32 -26.84 -15.93
N GLN B 54 16.37 -25.97 -14.94
CA GLN B 54 16.39 -26.42 -13.59
C GLN B 54 15.07 -26.12 -12.92
N SER B 55 14.00 -26.60 -13.54
CA SER B 55 12.65 -26.28 -13.10
C SER B 55 12.60 -26.27 -11.61
N ASN B 56 12.83 -27.42 -11.00
CA ASN B 56 12.56 -27.56 -9.58
C ASN B 56 13.34 -26.59 -8.64
N GLU B 57 14.51 -26.09 -9.06
CA GLU B 57 15.30 -25.17 -8.26
C GLU B 57 14.80 -23.77 -8.53
N LYS B 58 14.52 -23.48 -9.80
CA LYS B 58 14.11 -22.16 -10.22
C LYS B 58 12.83 -21.80 -9.46
N TRP B 59 11.76 -22.56 -9.68
CA TRP B 59 10.60 -22.57 -8.74
C TRP B 59 10.82 -22.36 -7.20
N GLN B 60 11.65 -23.16 -6.57
CA GLN B 60 11.95 -22.97 -5.14
C GLN B 60 12.30 -21.56 -4.75
N ASP B 61 13.28 -20.96 -5.43
CA ASP B 61 13.68 -19.59 -5.16
C ASP B 61 12.58 -18.58 -5.45
N ILE B 62 11.81 -18.77 -6.53
CA ILE B 62 10.58 -17.97 -6.69
C ILE B 62 9.79 -17.92 -5.41
N ILE B 63 9.54 -19.09 -4.87
CA ILE B 63 8.70 -19.24 -3.70
C ILE B 63 9.41 -18.54 -2.56
N LYS B 64 10.62 -18.98 -2.35
CA LYS B 64 11.42 -18.51 -1.23
C LYS B 64 11.27 -16.96 -1.24
N GLU B 65 11.45 -16.34 -2.39
CA GLU B 65 11.27 -14.89 -2.53
C GLU B 65 9.87 -14.38 -2.25
N VAL B 66 8.88 -15.04 -2.88
CA VAL B 66 7.58 -14.54 -2.64
C VAL B 66 7.25 -14.62 -1.15
N ARG B 67 7.70 -15.63 -0.45
CA ARG B 67 7.23 -15.70 0.88
C ARG B 67 7.94 -14.59 1.55
N PHE B 68 9.12 -14.24 1.08
CA PHE B 68 9.85 -13.22 1.80
C PHE B 68 9.16 -11.86 1.55
N LEU B 69 8.92 -11.52 0.29
CA LEU B 69 8.22 -10.32 0.05
C LEU B 69 6.93 -10.15 0.79
N GLN B 70 6.13 -11.18 0.95
CA GLN B 70 4.81 -11.00 1.61
C GLN B 70 4.88 -10.39 2.98
N LYS B 71 6.02 -10.62 3.65
CA LYS B 71 6.21 -10.15 5.05
C LYS B 71 6.59 -8.70 5.14
N LEU B 72 7.16 -8.12 4.08
CA LEU B 72 7.73 -6.83 4.25
C LEU B 72 6.69 -5.82 4.62
N ARG B 73 6.85 -5.04 5.69
CA ARG B 73 5.92 -3.90 5.84
C ARG B 73 6.64 -2.66 6.35
N HIS B 74 7.27 -1.90 5.49
CA HIS B 74 8.07 -0.79 5.96
C HIS B 74 8.37 0.18 4.82
N PRO B 75 8.24 1.47 5.09
CA PRO B 75 8.35 2.31 3.90
C PRO B 75 9.71 2.36 3.21
N ASN B 76 10.79 1.95 3.86
CA ASN B 76 12.09 1.90 3.18
C ASN B 76 12.41 0.56 2.62
N THR B 77 11.44 -0.27 2.39
CA THR B 77 11.64 -1.46 1.53
C THR B 77 10.68 -1.22 0.36
N ILE B 78 10.92 -1.83 -0.81
CA ILE B 78 10.10 -1.66 -2.02
C ILE B 78 8.77 -2.33 -1.69
N GLN B 79 7.69 -1.61 -1.77
CA GLN B 79 6.39 -2.26 -1.63
C GLN B 79 6.15 -3.51 -2.59
N TYR B 80 5.78 -4.61 -2.01
CA TYR B 80 5.44 -5.79 -2.80
C TYR B 80 3.93 -5.68 -3.13
N ARG B 81 3.54 -5.87 -4.39
CA ARG B 81 2.12 -5.74 -4.78
C ARG B 81 1.45 -7.06 -5.15
N GLY B 82 2.13 -8.22 -5.04
CA GLY B 82 1.51 -9.51 -5.19
C GLY B 82 2.15 -10.26 -6.38
N CYS B 83 1.82 -11.49 -6.67
CA CYS B 83 2.42 -12.08 -7.82
C CYS B 83 1.41 -12.84 -8.64
N TYR B 84 1.70 -13.08 -9.90
CA TYR B 84 0.83 -13.82 -10.80
C TYR B 84 1.64 -14.90 -11.54
N LEU B 85 0.97 -15.77 -12.30
CA LEU B 85 1.63 -16.94 -12.78
C LEU B 85 1.07 -17.33 -14.12
N ARG B 86 1.90 -17.53 -15.12
CA ARG B 86 1.45 -18.05 -16.44
C ARG B 86 2.63 -18.56 -17.22
N GLU B 87 2.56 -19.86 -17.55
CA GLU B 87 3.39 -20.52 -18.59
C GLU B 87 4.79 -20.58 -18.08
N HIS B 88 4.89 -21.14 -16.89
CA HIS B 88 6.14 -21.21 -16.18
C HIS B 88 6.87 -19.84 -16.06
N THR B 89 6.10 -18.76 -15.93
CA THR B 89 6.76 -17.50 -15.57
C THR B 89 6.05 -16.79 -14.44
N ALA B 90 6.62 -16.84 -13.24
CA ALA B 90 6.08 -15.99 -12.12
C ALA B 90 6.25 -14.51 -12.38
N TRP B 91 5.20 -13.71 -12.13
CA TRP B 91 5.29 -12.29 -12.18
C TRP B 91 5.24 -11.66 -10.75
N LEU B 92 6.32 -10.98 -10.30
CA LEU B 92 6.24 -10.40 -8.96
C LEU B 92 6.14 -8.95 -9.12
N VAL B 93 5.03 -8.38 -8.72
CA VAL B 93 4.78 -6.98 -8.94
C VAL B 93 5.19 -6.17 -7.74
N MET B 94 5.78 -5.00 -8.00
CA MET B 94 6.29 -4.18 -6.91
C MET B 94 5.95 -2.75 -7.24
N GLU B 95 6.11 -1.79 -6.33
CA GLU B 95 5.94 -0.39 -6.78
C GLU B 95 7.13 0.06 -7.62
N TYR B 96 6.94 1.18 -8.28
CA TYR B 96 7.87 1.56 -9.27
C TYR B 96 8.62 2.75 -8.81
N CYS B 97 9.95 2.75 -8.92
CA CYS B 97 10.71 3.96 -8.50
C CYS B 97 11.39 4.60 -9.70
N LEU B 98 11.94 5.79 -9.47
CA LEU B 98 12.64 6.53 -10.48
C LEU B 98 13.92 5.82 -10.95
N GLY B 99 14.73 5.38 -9.99
CA GLY B 99 15.97 4.69 -10.37
C GLY B 99 16.71 4.23 -9.14
N SER B 100 17.86 3.53 -9.34
CA SER B 100 18.72 3.15 -8.20
C SER B 100 19.75 4.28 -7.83
N ALA B 101 20.33 4.19 -6.64
CA ALA B 101 21.37 5.11 -6.24
C ALA B 101 22.52 4.98 -7.26
N SER B 102 22.87 3.76 -7.59
CA SER B 102 23.77 3.57 -8.69
C SER B 102 23.47 4.25 -10.09
N ASP B 103 22.21 4.41 -10.50
CA ASP B 103 21.97 5.13 -11.76
C ASP B 103 22.35 6.56 -11.53
N LEU B 104 22.15 7.02 -10.31
CA LEU B 104 22.53 8.39 -10.03
C LEU B 104 24.05 8.69 -10.15
N LEU B 105 24.89 7.74 -9.78
CA LEU B 105 26.26 7.86 -10.00
C LEU B 105 26.61 7.77 -11.50
N GLU B 106 25.69 7.26 -12.28
CA GLU B 106 26.12 6.96 -13.61
C GLU B 106 25.75 8.15 -14.43
N VAL B 107 24.52 8.62 -14.25
CA VAL B 107 24.02 9.83 -14.84
C VAL B 107 24.95 11.03 -14.67
N HIS B 108 25.20 11.40 -13.43
CA HIS B 108 25.94 12.57 -13.18
C HIS B 108 27.38 12.42 -13.47
N LYS B 109 27.82 11.15 -13.47
CA LYS B 109 29.24 10.87 -13.50
C LYS B 109 29.97 11.34 -12.20
N LYS B 110 29.31 11.95 -11.27
CA LYS B 110 30.08 12.38 -10.09
C LYS B 110 29.74 11.66 -8.75
N PRO B 111 30.60 11.81 -7.74
CA PRO B 111 29.97 11.41 -6.52
C PRO B 111 28.88 12.44 -6.17
N LEU B 112 27.97 11.96 -5.33
CA LEU B 112 26.94 12.72 -4.68
C LEU B 112 27.50 13.69 -3.68
N GLN B 113 26.73 14.72 -3.33
CA GLN B 113 27.10 15.65 -2.27
C GLN B 113 27.03 14.89 -0.94
N GLU B 114 27.74 15.35 0.08
CA GLU B 114 27.72 14.62 1.37
C GLU B 114 26.30 14.55 1.94
N VAL B 115 25.62 15.70 1.90
CA VAL B 115 24.31 15.79 2.46
C VAL B 115 23.36 14.78 1.75
N GLU B 116 23.49 14.61 0.44
CA GLU B 116 22.77 13.56 -0.28
C GLU B 116 23.14 12.13 0.12
N ILE B 117 24.40 11.86 0.31
CA ILE B 117 24.76 10.51 0.70
C ILE B 117 24.20 10.16 2.10
N ALA B 118 23.99 11.22 2.88
CA ALA B 118 23.62 11.00 4.27
C ALA B 118 22.18 10.59 4.20
N ALA B 119 21.42 11.32 3.35
CA ALA B 119 19.95 11.12 3.28
C ALA B 119 19.70 9.73 2.80
N VAL B 120 20.35 9.40 1.67
CA VAL B 120 20.26 8.09 1.09
C VAL B 120 20.66 7.00 2.10
N THR B 121 21.77 7.22 2.81
CA THR B 121 22.25 6.18 3.71
C THR B 121 21.19 6.04 4.80
N HIS B 122 20.67 7.19 5.17
CA HIS B 122 19.77 7.21 6.24
C HIS B 122 18.49 6.35 5.97
N GLY B 123 17.77 6.60 4.86
CA GLY B 123 16.72 5.68 4.33
C GLY B 123 17.07 4.17 4.32
N ALA B 124 18.25 3.82 3.84
CA ALA B 124 18.63 2.43 3.72
C ALA B 124 18.81 1.89 5.10
N LEU B 125 19.22 2.77 5.94
CA LEU B 125 19.59 2.28 7.23
C LEU B 125 18.30 1.92 7.97
N GLN B 126 17.31 2.82 7.89
CA GLN B 126 16.04 2.41 8.56
C GLN B 126 15.44 1.14 7.97
N GLY B 127 15.53 0.93 6.66
CA GLY B 127 15.04 -0.27 6.09
C GLY B 127 15.78 -1.44 6.70
N LEU B 128 17.12 -1.33 6.84
CA LEU B 128 17.90 -2.41 7.48
C LEU B 128 17.56 -2.62 8.99
N ALA B 129 17.30 -1.54 9.70
CA ALA B 129 17.09 -1.70 11.15
C ALA B 129 15.80 -2.62 11.23
N TYR B 130 14.79 -2.18 10.48
CA TYR B 130 13.61 -2.96 10.24
C TYR B 130 13.92 -4.37 9.96
N LEU B 131 14.66 -4.70 8.95
CA LEU B 131 14.70 -6.08 8.70
C LEU B 131 15.39 -6.84 9.88
N HIS B 132 16.44 -6.24 10.44
CA HIS B 132 17.19 -6.98 11.46
C HIS B 132 16.28 -7.21 12.70
N SER B 133 15.57 -6.17 13.13
CA SER B 133 14.41 -6.34 13.99
C SER B 133 13.64 -7.63 13.90
N HIS B 134 13.30 -8.05 12.69
CA HIS B 134 12.59 -9.27 12.49
C HIS B 134 13.47 -10.39 12.19
N ASN B 135 14.76 -10.23 12.42
CA ASN B 135 15.60 -11.39 12.17
C ASN B 135 15.81 -11.78 10.72
N MET B 136 15.49 -10.82 9.82
CA MET B 136 15.83 -10.90 8.38
C MET B 136 17.21 -10.28 7.99
N ILE B 137 17.81 -10.79 6.93
CA ILE B 137 19.01 -10.15 6.51
C ILE B 137 18.98 -9.94 5.02
N HIS B 138 19.42 -8.76 4.56
CA HIS B 138 19.24 -8.42 3.20
C HIS B 138 20.28 -9.13 2.41
N ARG B 139 21.55 -8.87 2.74
CA ARG B 139 22.64 -9.64 2.16
C ARG B 139 23.08 -9.14 0.78
N ASP B 140 22.46 -8.09 0.26
CA ASP B 140 22.98 -7.63 -0.98
C ASP B 140 22.85 -6.15 -0.99
N VAL B 141 23.25 -5.47 0.11
CA VAL B 141 23.22 -4.04 0.00
C VAL B 141 24.29 -3.44 -0.88
N LYS B 142 23.88 -2.58 -1.81
CA LYS B 142 24.76 -1.92 -2.72
C LYS B 142 24.01 -0.77 -3.35
N ALA B 143 24.71 0.10 -4.01
CA ALA B 143 24.03 1.33 -4.38
C ALA B 143 22.96 0.96 -5.42
N GLY B 144 23.17 -0.15 -6.13
CA GLY B 144 22.30 -0.54 -7.21
C GLY B 144 20.95 -1.10 -6.70
N ASN B 145 20.92 -1.46 -5.43
CA ASN B 145 19.82 -2.08 -4.83
C ASN B 145 19.18 -1.06 -3.92
N ILE B 146 19.44 0.23 -4.11
CA ILE B 146 18.80 1.20 -3.25
C ILE B 146 18.05 2.09 -4.17
N LEU B 147 16.74 2.25 -3.99
CA LEU B 147 15.96 2.91 -5.04
C LEU B 147 15.37 4.15 -4.50
N LEU B 148 15.09 5.09 -5.40
CA LEU B 148 14.51 6.35 -5.00
C LEU B 148 13.11 6.54 -5.60
N SER B 149 12.11 6.76 -4.75
CA SER B 149 10.77 7.05 -5.32
C SER B 149 10.31 8.48 -4.98
N GLU B 150 9.49 9.15 -5.81
CA GLU B 150 8.89 10.52 -5.39
C GLU B 150 7.81 10.28 -4.32
N PRO B 151 7.51 11.22 -3.36
CA PRO B 151 8.11 12.53 -3.03
C PRO B 151 9.58 12.36 -3.24
N GLY B 152 10.15 11.54 -2.33
CA GLY B 152 11.54 11.10 -2.31
C GLY B 152 11.72 10.16 -1.13
N LEU B 153 11.61 8.88 -1.35
CA LEU B 153 11.87 8.01 -0.25
C LEU B 153 12.96 7.17 -0.75
N VAL B 154 13.68 6.62 0.18
CA VAL B 154 14.68 5.72 -0.20
C VAL B 154 14.25 4.29 0.13
N LYS B 155 14.41 3.36 -0.82
CA LYS B 155 13.89 2.03 -0.62
C LYS B 155 14.91 0.89 -0.94
N LEU B 156 15.09 -0.06 -0.03
CA LEU B 156 15.82 -1.26 -0.28
C LEU B 156 15.15 -2.12 -1.36
N GLY B 157 15.92 -2.61 -2.31
CA GLY B 157 15.38 -3.42 -3.37
C GLY B 157 16.09 -4.77 -3.40
N ASP B 158 15.57 -5.63 -4.24
CA ASP B 158 16.13 -6.94 -4.51
C ASP B 158 16.33 -7.84 -3.34
N PHE B 159 15.31 -8.56 -2.89
CA PHE B 159 15.45 -9.46 -1.76
C PHE B 159 15.77 -10.87 -2.22
N GLY B 160 16.37 -10.98 -3.40
CA GLY B 160 16.78 -12.21 -4.00
C GLY B 160 17.69 -13.04 -3.12
N SER B 161 18.43 -12.44 -2.21
CA SER B 161 19.48 -13.12 -1.54
C SER B 161 19.23 -13.11 -0.07
N ALA B 162 18.05 -12.65 0.34
CA ALA B 162 17.78 -12.29 1.72
C ALA B 162 17.64 -13.55 2.56
N SER B 163 17.80 -13.45 3.85
CA SER B 163 17.57 -14.59 4.72
C SER B 163 16.39 -14.29 5.61
N ILE B 164 15.50 -15.28 5.85
CA ILE B 164 14.44 -15.09 6.91
C ILE B 164 14.86 -15.38 8.34
N MET B 165 15.76 -16.34 8.53
CA MET B 165 16.43 -16.53 9.83
C MET B 165 17.73 -15.66 9.94
N ALA B 166 18.10 -15.32 11.17
CA ALA B 166 19.47 -14.84 11.47
C ALA B 166 19.90 -15.59 12.75
N PRO B 167 21.10 -16.19 12.84
CA PRO B 167 22.22 -16.37 11.97
C PRO B 167 21.94 -17.19 10.78
N ALA B 168 22.68 -16.85 9.74
CA ALA B 168 22.62 -17.52 8.47
C ALA B 168 24.04 -17.93 8.28
N ASN B 169 24.26 -18.84 7.38
CA ASN B 169 25.60 -19.32 7.11
C ASN B 169 25.92 -19.24 5.60
N PHE B 171 26.72 -18.53 1.62
CA PHE B 171 27.66 -17.75 0.93
C PHE B 171 26.96 -17.10 -0.26
N VAL B 172 26.79 -15.79 -0.11
CA VAL B 172 25.84 -15.08 -0.90
C VAL B 172 26.07 -13.58 -0.77
N GLY B 173 25.68 -12.84 -1.81
CA GLY B 173 25.77 -11.36 -1.80
C GLY B 173 26.62 -10.96 -3.01
N THR B 174 26.99 -9.73 -3.24
CA THR B 174 27.94 -9.45 -4.36
C THR B 174 29.37 -9.15 -3.85
N PRO B 175 30.38 -9.89 -4.37
CA PRO B 175 31.72 -9.87 -3.74
C PRO B 175 32.31 -8.52 -3.24
N TYR B 176 32.36 -7.44 -4.02
CA TYR B 176 32.99 -6.27 -3.56
C TYR B 176 32.31 -5.80 -2.34
N TRP B 177 31.03 -6.19 -2.16
CA TRP B 177 30.29 -5.62 -1.01
C TRP B 177 30.11 -6.58 0.21
N MET B 178 30.44 -7.85 0.01
CA MET B 178 30.33 -8.84 1.02
C MET B 178 31.25 -8.60 2.24
N ALA B 179 30.79 -9.01 3.41
CA ALA B 179 31.45 -8.77 4.65
C ALA B 179 32.41 -9.93 4.88
N PRO B 180 33.47 -9.72 5.67
CA PRO B 180 34.47 -10.76 5.93
C PRO B 180 33.85 -12.04 6.55
N GLU B 181 33.03 -11.88 7.61
CA GLU B 181 32.21 -12.98 8.15
C GLU B 181 31.59 -13.85 7.10
N VAL B 182 31.00 -13.24 6.04
CA VAL B 182 30.18 -14.05 5.14
C VAL B 182 31.10 -14.92 4.44
N ILE B 183 32.21 -14.30 3.94
CA ILE B 183 33.28 -15.01 3.17
C ILE B 183 33.95 -16.06 4.05
N LEU B 184 34.44 -15.70 5.22
CA LEU B 184 35.01 -16.65 6.18
C LEU B 184 34.15 -17.82 6.59
N ALA B 185 32.85 -17.65 6.60
CA ALA B 185 32.01 -18.78 6.84
C ALA B 185 32.35 -19.79 5.73
N MET B 186 32.07 -19.41 4.47
CA MET B 186 31.61 -20.35 3.41
C MET B 186 30.68 -21.34 4.08
N ASP B 187 29.99 -22.20 3.35
CA ASP B 187 28.71 -22.77 3.92
C ASP B 187 28.66 -23.24 5.44
N GLU B 188 29.64 -24.02 5.91
CA GLU B 188 29.79 -24.34 7.38
C GLU B 188 30.58 -23.21 8.18
N GLY B 189 29.83 -22.15 8.57
CA GLY B 189 30.32 -21.01 9.41
C GLY B 189 29.05 -20.32 9.84
N GLN B 190 29.05 -19.04 10.18
CA GLN B 190 27.78 -18.43 10.59
C GLN B 190 27.79 -16.87 10.88
N TYR B 191 26.74 -16.09 10.61
CA TYR B 191 26.83 -14.58 10.73
C TYR B 191 25.48 -14.03 10.88
N ASP B 192 25.39 -12.75 11.11
CA ASP B 192 24.14 -12.21 11.35
C ASP B 192 23.87 -10.89 10.62
N GLY B 193 22.96 -10.12 11.15
CA GLY B 193 22.59 -8.93 10.43
C GLY B 193 23.62 -7.86 10.17
N LYS B 194 24.74 -7.98 10.86
CA LYS B 194 25.71 -6.92 10.80
C LYS B 194 26.44 -7.01 9.44
N VAL B 195 26.33 -8.15 8.76
CA VAL B 195 26.92 -8.15 7.47
C VAL B 195 26.38 -7.03 6.56
N ASP B 196 25.14 -6.53 6.82
CA ASP B 196 24.48 -5.51 5.98
C ASP B 196 25.01 -4.23 6.42
N VAL B 197 25.33 -4.16 7.70
CA VAL B 197 26.03 -2.92 8.18
C VAL B 197 27.36 -2.77 7.40
N TRP B 198 28.13 -3.86 7.32
CA TRP B 198 29.23 -3.87 6.44
C TRP B 198 28.87 -3.45 4.97
N SER B 199 28.02 -4.22 4.27
CA SER B 199 27.72 -3.79 2.87
C SER B 199 27.24 -2.39 2.83
N LEU B 200 26.73 -1.84 3.90
CA LEU B 200 26.34 -0.47 3.78
C LEU B 200 27.53 0.51 3.91
N GLY B 201 28.58 0.09 4.66
CA GLY B 201 29.85 0.86 4.71
C GLY B 201 30.40 1.04 3.28
N ILE B 202 30.52 -0.13 2.65
CA ILE B 202 30.99 -0.21 1.36
C ILE B 202 30.14 0.62 0.43
N THR B 203 28.81 0.56 0.61
CA THR B 203 27.95 1.28 -0.26
C THR B 203 28.21 2.77 -0.03
N CYS B 204 28.34 3.21 1.20
CA CYS B 204 28.71 4.61 1.42
C CYS B 204 29.99 5.01 0.64
N ILE B 205 31.03 4.11 0.62
CA ILE B 205 32.18 4.44 -0.11
C ILE B 205 31.81 4.59 -1.56
N GLU B 206 31.10 3.59 -2.05
CA GLU B 206 30.55 3.72 -3.42
C GLU B 206 29.82 5.00 -3.74
N LEU B 207 28.93 5.48 -2.88
CA LEU B 207 28.24 6.71 -3.19
C LEU B 207 29.25 7.85 -3.16
N ALA B 208 30.23 7.77 -2.27
CA ALA B 208 31.24 8.80 -2.16
C ALA B 208 32.26 8.79 -3.31
N GLU B 209 32.62 7.61 -3.81
CA GLU B 209 33.73 7.52 -4.76
C GLU B 209 33.33 6.98 -6.15
N ARG B 210 32.03 6.95 -6.42
CA ARG B 210 31.49 6.19 -7.59
C ARG B 210 31.64 4.70 -7.66
N LYS B 211 32.62 4.03 -7.00
CA LYS B 211 32.82 2.55 -7.09
C LYS B 211 33.18 2.02 -5.72
N PRO B 212 32.98 0.69 -5.47
CA PRO B 212 33.34 0.24 -4.19
C PRO B 212 34.83 -0.11 -4.28
N PRO B 213 35.43 -0.24 -3.12
CA PRO B 213 36.85 -0.33 -3.09
C PRO B 213 37.43 -1.42 -3.88
N LEU B 214 37.03 -2.66 -3.89
CA LEU B 214 37.96 -3.52 -4.69
C LEU B 214 37.56 -3.63 -6.13
N PHE B 215 36.97 -2.59 -6.75
CA PHE B 215 36.29 -2.81 -8.04
C PHE B 215 37.29 -3.15 -9.12
N ASN B 216 38.59 -3.04 -8.79
CA ASN B 216 39.58 -3.03 -9.81
C ASN B 216 40.31 -4.30 -9.91
N MET B 217 39.91 -5.31 -9.13
CA MET B 217 40.36 -6.70 -9.30
C MET B 217 39.16 -7.56 -9.60
N ASN B 218 39.35 -8.76 -10.12
CA ASN B 218 38.26 -9.65 -10.32
C ASN B 218 37.67 -10.10 -8.98
N ALA B 219 36.48 -10.66 -9.09
CA ALA B 219 35.68 -11.13 -7.95
C ALA B 219 36.39 -12.07 -7.04
N MET B 220 36.92 -13.18 -7.56
CA MET B 220 37.65 -14.18 -6.77
C MET B 220 38.68 -13.45 -5.97
N SER B 221 39.35 -12.52 -6.61
CA SER B 221 40.46 -12.10 -5.90
C SER B 221 40.06 -11.03 -4.84
N ALA B 222 39.02 -10.25 -5.12
CA ALA B 222 38.53 -9.39 -4.09
C ALA B 222 38.08 -10.12 -2.78
N LEU B 223 37.52 -11.31 -2.97
CA LEU B 223 36.95 -12.10 -1.88
C LEU B 223 38.07 -12.34 -0.97
N TYR B 224 39.20 -12.77 -1.53
CA TYR B 224 40.37 -13.01 -0.66
C TYR B 224 40.93 -11.70 0.03
N HIS B 225 40.98 -10.56 -0.63
CA HIS B 225 41.48 -9.38 0.07
C HIS B 225 40.55 -9.09 1.17
N ILE B 226 39.23 -9.05 0.90
CA ILE B 226 38.26 -8.74 1.94
C ILE B 226 38.58 -9.58 3.25
N ALA B 227 38.59 -10.90 3.14
CA ALA B 227 39.02 -11.81 4.21
C ALA B 227 40.28 -11.32 4.87
N GLN B 228 41.33 -11.09 4.10
CA GLN B 228 42.70 -10.92 4.62
C GLN B 228 43.19 -9.52 4.92
N ASN B 229 42.50 -8.47 4.53
CA ASN B 229 43.12 -7.21 4.69
C ASN B 229 42.38 -6.33 5.53
N GLU B 230 43.10 -5.35 5.98
CA GLU B 230 42.56 -4.27 6.69
C GLU B 230 41.40 -3.76 5.84
N SER B 231 40.48 -3.09 6.51
CA SER B 231 39.20 -2.84 5.96
C SER B 231 39.39 -1.48 5.28
N PRO B 232 38.70 -1.20 4.17
CA PRO B 232 38.68 0.04 3.35
C PRO B 232 38.30 1.25 4.15
N ALA B 233 38.57 2.44 3.67
CA ALA B 233 38.02 3.69 4.24
C ALA B 233 37.81 4.67 3.11
N LEU B 234 37.10 5.77 3.38
CA LEU B 234 36.87 6.77 2.42
C LEU B 234 38.24 7.18 2.05
N GLN B 235 38.47 7.51 0.79
CA GLN B 235 39.89 7.75 0.49
C GLN B 235 40.22 9.23 0.61
N SER B 236 39.25 10.11 0.42
CA SER B 236 39.56 11.53 0.39
C SER B 236 39.46 12.03 1.76
N GLY B 237 40.19 13.11 1.97
CA GLY B 237 40.21 13.76 3.25
C GLY B 237 39.05 14.73 3.35
N HIS B 238 38.47 15.24 2.25
CA HIS B 238 37.55 16.38 2.43
C HIS B 238 36.19 16.02 3.12
N TRP B 239 35.86 14.74 3.31
CA TRP B 239 34.52 14.41 3.92
C TRP B 239 34.50 14.86 5.38
N SER B 240 33.33 15.35 5.89
CA SER B 240 33.05 15.60 7.33
C SER B 240 33.49 14.51 8.30
N GLU B 241 33.71 14.82 9.58
CA GLU B 241 34.29 13.76 10.41
C GLU B 241 33.17 12.77 10.72
N TYR B 242 31.93 13.30 10.73
CA TYR B 242 30.81 12.41 11.08
C TYR B 242 30.74 11.31 10.06
N PHE B 243 30.86 11.79 8.82
CA PHE B 243 30.84 10.93 7.68
C PHE B 243 31.94 9.87 7.79
N ARG B 244 33.17 10.32 7.87
CA ARG B 244 34.21 9.36 7.97
C ARG B 244 34.02 8.40 9.15
N ASN B 245 33.57 8.92 10.31
CA ASN B 245 33.43 7.99 11.48
C ASN B 245 32.35 6.88 11.23
N PHE B 246 31.25 7.34 10.59
CA PHE B 246 30.28 6.40 10.09
C PHE B 246 30.87 5.28 9.32
N VAL B 247 31.63 5.58 8.27
CA VAL B 247 32.12 4.46 7.43
C VAL B 247 33.03 3.58 8.23
N ASP B 248 33.93 4.19 8.99
CA ASP B 248 34.86 3.33 9.77
C ASP B 248 34.11 2.51 10.80
N SER B 249 33.03 3.11 11.36
CA SER B 249 32.13 2.27 12.22
C SER B 249 31.51 1.14 11.41
N CYS B 250 30.99 1.38 10.17
CA CYS B 250 30.39 0.19 9.48
C CYS B 250 31.44 -0.84 9.21
N LEU B 251 32.66 -0.37 8.96
CA LEU B 251 33.69 -1.29 8.43
C LEU B 251 34.61 -1.89 9.45
N GLN B 252 34.14 -1.96 10.69
CA GLN B 252 34.82 -2.86 11.64
C GLN B 252 34.90 -4.29 11.13
N LYS B 253 36.06 -4.81 11.00
CA LYS B 253 36.17 -6.12 10.41
C LYS B 253 35.61 -7.27 11.28
N ILE B 254 35.43 -7.03 12.57
CA ILE B 254 35.13 -8.12 13.53
C ILE B 254 33.71 -7.89 14.00
N PRO B 255 32.83 -8.83 13.70
CA PRO B 255 31.48 -8.46 14.12
C PRO B 255 31.29 -7.60 15.43
N GLN B 256 31.95 -7.99 16.54
CA GLN B 256 31.60 -7.48 17.87
C GLN B 256 31.92 -6.08 17.92
N ASP B 257 32.87 -5.66 17.07
CA ASP B 257 33.22 -4.24 17.13
C ASP B 257 32.31 -3.43 16.24
N ARG B 258 31.47 -4.11 15.47
CA ARG B 258 30.63 -3.39 14.46
C ARG B 258 29.26 -3.00 15.09
N PRO B 259 28.89 -1.75 15.05
CA PRO B 259 27.57 -1.41 15.66
C PRO B 259 26.37 -2.06 14.85
N THR B 260 25.29 -2.49 15.50
CA THR B 260 24.15 -3.09 14.75
C THR B 260 23.52 -1.95 13.94
N SER B 261 22.56 -2.28 13.07
CA SER B 261 21.83 -1.17 12.41
C SER B 261 21.01 -0.31 13.35
N GLU B 262 20.42 -0.96 14.35
CA GLU B 262 19.62 -0.19 15.37
C GLU B 262 20.45 0.93 16.02
N VAL B 263 21.67 0.58 16.50
CA VAL B 263 22.54 1.63 17.05
C VAL B 263 22.92 2.80 16.07
N LEU B 264 23.33 2.36 14.87
CA LEU B 264 23.69 3.30 13.84
C LEU B 264 22.63 4.39 13.47
N LEU B 265 21.34 4.08 13.76
CA LEU B 265 20.22 4.99 13.49
C LEU B 265 20.30 6.28 14.22
N LYS B 266 21.21 6.23 15.20
CA LYS B 266 21.48 7.27 16.20
C LYS B 266 22.80 8.07 15.96
N HIS B 267 23.70 7.58 15.11
CA HIS B 267 24.95 8.21 14.82
C HIS B 267 24.83 9.57 14.19
N ARG B 268 25.75 10.49 14.53
CA ARG B 268 25.60 11.95 14.28
C ARG B 268 25.48 12.22 12.82
N PHE B 269 26.03 11.28 12.04
CA PHE B 269 26.09 11.50 10.56
C PHE B 269 24.68 11.49 9.94
N VAL B 270 23.95 10.52 10.49
CA VAL B 270 22.52 10.25 10.25
C VAL B 270 21.54 11.25 10.92
N LEU B 271 21.91 11.76 12.10
CA LEU B 271 21.10 12.81 12.72
C LEU B 271 21.44 14.29 12.31
N ARG B 272 22.66 14.55 11.82
CA ARG B 272 23.02 15.92 11.54
C ARG B 272 21.89 16.44 10.69
N GLU B 273 21.30 17.55 11.08
CA GLU B 273 20.08 17.91 10.44
C GLU B 273 20.40 18.24 9.02
N ARG B 274 19.39 18.06 8.16
CA ARG B 274 19.55 18.26 6.75
C ARG B 274 18.24 18.73 6.17
N PRO B 275 18.34 19.60 5.15
CA PRO B 275 17.18 20.21 4.52
C PRO B 275 16.19 19.14 4.11
N PRO B 276 14.92 19.52 4.04
CA PRO B 276 14.02 18.37 3.82
C PRO B 276 13.81 18.02 2.32
N THR B 277 14.39 18.81 1.43
CA THR B 277 14.26 18.54 -0.01
C THR B 277 15.36 17.70 -0.71
N VAL B 278 16.41 17.37 0.04
CA VAL B 278 17.49 16.62 -0.53
C VAL B 278 17.08 15.55 -1.54
N ILE B 279 16.37 14.50 -1.12
CA ILE B 279 16.03 13.40 -2.04
C ILE B 279 15.29 13.89 -3.24
N MET B 280 14.18 14.53 -2.95
CA MET B 280 13.40 15.23 -3.91
C MET B 280 14.30 16.06 -4.86
N ASP B 281 15.14 16.95 -4.30
CA ASP B 281 16.10 17.77 -5.16
C ASP B 281 17.11 17.02 -6.03
N LEU B 282 17.55 15.88 -5.52
CA LEU B 282 18.48 15.04 -6.16
C LEU B 282 17.78 14.39 -7.36
N ILE B 283 16.58 13.82 -7.11
CA ILE B 283 15.76 13.23 -8.15
C ILE B 283 15.58 14.28 -9.21
N GLN B 284 15.06 15.43 -8.79
CA GLN B 284 14.93 16.54 -9.75
C GLN B 284 16.25 16.73 -10.59
N ARG B 285 17.42 16.95 -9.95
CA ARG B 285 18.62 17.25 -10.79
C ARG B 285 19.08 16.04 -11.69
N THR B 286 18.76 14.84 -11.27
CA THR B 286 19.04 13.73 -12.11
C THR B 286 18.11 13.78 -13.29
N LYS B 287 16.86 14.14 -13.04
CA LYS B 287 15.90 14.23 -14.15
C LYS B 287 16.34 15.23 -15.24
N ASP B 288 16.81 16.44 -14.84
CA ASP B 288 17.27 17.49 -15.79
C ASP B 288 18.57 17.13 -16.48
N ALA B 289 19.52 16.54 -15.76
CA ALA B 289 20.77 16.09 -16.41
C ALA B 289 20.50 15.06 -17.50
N VAL B 290 19.45 14.27 -17.32
CA VAL B 290 19.20 13.19 -18.24
C VAL B 290 18.52 13.77 -19.49
N ARG B 291 17.78 14.88 -19.34
CA ARG B 291 17.16 15.54 -20.52
C ARG B 291 18.22 15.95 -21.57
N GLU B 292 19.22 16.74 -21.19
CA GLU B 292 20.26 17.11 -22.15
C GLU B 292 20.98 15.83 -22.64
N LEU B 293 21.59 15.08 -21.71
CA LEU B 293 22.33 13.79 -21.96
C LEU B 293 22.37 13.28 -23.42
N ASP B 294 23.60 13.07 -23.95
CA ASP B 294 23.86 12.92 -25.42
C ASP B 294 23.33 11.63 -26.06
N ASN B 295 22.44 11.80 -27.08
CA ASN B 295 21.72 10.69 -27.73
C ASN B 295 20.71 10.07 -26.71
N LEU B 296 19.52 10.71 -26.53
CA LEU B 296 18.41 10.23 -25.58
C LEU B 296 17.59 8.97 -26.04
N GLN B 297 17.82 8.52 -27.30
CA GLN B 297 17.19 7.32 -28.00
C GLN B 297 17.87 5.93 -27.71
N TYR B 298 19.22 5.97 -27.79
CA TYR B 298 20.17 4.81 -27.65
C TYR B 298 20.98 4.93 -26.32
N ARG B 299 20.22 5.34 -25.27
CA ARG B 299 20.67 5.60 -23.89
C ARG B 299 20.06 4.55 -22.93
N LYS B 300 20.96 3.91 -22.17
CA LYS B 300 20.61 3.02 -21.08
C LYS B 300 19.79 3.81 -20.06
N MET B 301 20.20 5.07 -19.91
CA MET B 301 19.84 5.94 -18.80
C MET B 301 18.57 6.77 -19.02
N LYS B 302 17.82 6.33 -20.04
CA LYS B 302 16.55 6.86 -20.52
C LYS B 302 15.35 6.40 -19.66
N LYS B 303 15.45 5.12 -19.21
CA LYS B 303 14.90 4.57 -17.95
C LYS B 303 14.30 5.58 -17.00
N ILE B 304 15.07 6.64 -16.69
CA ILE B 304 14.75 7.61 -15.65
C ILE B 304 13.50 8.46 -16.03
N LEU B 305 13.22 8.48 -17.32
CA LEU B 305 12.19 9.33 -17.89
C LEU B 305 11.02 8.57 -18.45
N PHE B 306 10.98 7.27 -18.19
CA PHE B 306 9.92 6.36 -18.63
C PHE B 306 8.49 6.70 -18.20
N GLN B 307 8.30 7.39 -17.05
CA GLN B 307 6.93 7.78 -16.53
C GLN B 307 6.20 8.81 -17.46
N GLU B 308 7.02 9.72 -18.00
CA GLU B 308 6.66 10.58 -19.14
C GLU B 308 6.64 9.83 -20.55
N ALA B 309 6.91 8.49 -20.53
CA ALA B 309 6.59 7.40 -21.55
C ALA B 309 6.96 7.41 -23.08
#